data_4NQF
#
_entry.id   4NQF
#
_cell.length_a   63.103
_cell.length_b   71.574
_cell.length_c   83.416
_cell.angle_alpha   90.00
_cell.angle_beta   90.00
_cell.angle_gamma   90.00
#
_symmetry.space_group_name_H-M   'P 21 21 21'
#
loop_
_entity.id
_entity.type
_entity.pdbx_description
1 polymer Nucleotidyltransferase
2 water water
#
_entity_poly.entity_id   1
_entity_poly.type   'polypeptide(L)'
_entity_poly.pdbx_seq_one_letter_code
;LSPADALRVAEDHFLRH(MSE)PDARDFADVAKYLVAKGNLHLAAFNLHQAVETAYNCYLLTLTNYSPASHN(MSE)KFL
RGLSEGRDRRLIDIWPRDRQRFTTWYNI(MSE)NEAYVKARYSKRFEVSEEALTWLQERTAELHKLVETLCREHIEKLEH
AAGQAANSSD
;
_entity_poly.pdbx_strand_id   A,B
#
# COMPACT_ATOMS: atom_id res chain seq x y z
N LEU A 1 -12.66 34.62 15.70
CA LEU A 1 -12.91 36.08 15.77
C LEU A 1 -11.57 36.83 15.97
N SER A 2 -10.78 37.00 14.90
CA SER A 2 -9.52 37.79 14.90
C SER A 2 -8.58 37.30 13.77
N PRO A 3 -8.26 38.17 12.80
CA PRO A 3 -7.55 37.76 11.57
C PRO A 3 -6.37 36.79 11.73
N ALA A 4 -5.52 37.03 12.74
CA ALA A 4 -4.31 36.22 12.96
C ALA A 4 -4.61 34.95 13.72
N ASP A 5 -5.54 35.02 14.69
CA ASP A 5 -6.04 33.82 15.37
C ASP A 5 -6.69 32.85 14.38
N ALA A 6 -7.65 33.36 13.62
CA ALA A 6 -8.37 32.56 12.63
C ALA A 6 -7.43 31.80 11.67
N LEU A 7 -6.27 32.39 11.36
CA LEU A 7 -5.27 31.70 10.54
C LEU A 7 -4.55 30.60 11.31
N ARG A 8 -4.07 30.94 12.51
CA ARG A 8 -3.47 29.98 13.41
C ARG A 8 -4.41 28.76 13.54
N VAL A 9 -5.67 29.01 13.90
CA VAL A 9 -6.61 27.92 14.17
C VAL A 9 -6.91 27.08 12.93
N ALA A 10 -7.00 27.70 11.77
CA ALA A 10 -7.27 26.96 10.54
C ALA A 10 -6.07 26.16 10.07
N GLU A 11 -4.87 26.62 10.38
CA GLU A 11 -3.68 25.85 10.10
C GLU A 11 -3.61 24.63 11.03
N ASP A 12 -3.94 24.85 12.30
CA ASP A 12 -3.89 23.81 13.35
C ASP A 12 -4.80 22.62 13.00
N HIS A 13 -6.06 22.91 12.71
CA HIS A 13 -7.05 21.98 12.18
C HIS A 13 -6.54 21.17 10.99
N PHE A 14 -6.23 21.84 9.90
CA PHE A 14 -5.77 21.18 8.69
C PHE A 14 -4.54 20.31 8.89
N LEU A 15 -3.59 20.75 9.71
CA LEU A 15 -2.39 19.97 9.98
C LEU A 15 -2.66 18.84 10.92
N ARG A 16 -3.62 19.02 11.80
CA ARG A 16 -4.02 17.99 12.75
C ARG A 16 -4.76 16.83 12.06
N HIS A 17 -5.58 17.16 11.05
CA HIS A 17 -6.56 16.21 10.53
C HIS A 17 -6.27 15.68 9.13
N MSE A 18 -5.68 16.48 8.27
CA MSE A 18 -5.48 15.96 6.93
C MSE A 18 -4.52 14.77 6.95
O MSE A 18 -4.67 13.86 6.14
CB MSE A 18 -5.00 17.06 6.03
CG MSE A 18 -4.94 16.60 4.57
SE MSE A 18 -6.69 16.27 3.74
CE MSE A 18 -7.94 17.31 4.83
N PRO A 19 -3.53 14.77 7.86
CA PRO A 19 -2.63 13.62 7.87
C PRO A 19 -3.25 12.32 8.39
N ASP A 20 -4.18 12.45 9.34
CA ASP A 20 -5.03 11.31 9.73
C ASP A 20 -5.77 10.78 8.49
N ALA A 21 -6.34 11.65 7.69
CA ALA A 21 -7.09 11.20 6.54
C ALA A 21 -6.19 10.46 5.56
N ARG A 22 -5.05 11.02 5.24
CA ARG A 22 -4.14 10.36 4.29
C ARG A 22 -3.73 9.02 4.83
N ASP A 23 -3.38 8.98 6.12
CA ASP A 23 -2.97 7.73 6.77
C ASP A 23 -4.03 6.64 6.79
N PHE A 24 -5.29 7.00 7.01
CA PHE A 24 -6.34 6.00 6.91
C PHE A 24 -6.39 5.40 5.49
N ALA A 25 -6.32 6.24 4.47
CA ALA A 25 -6.28 5.74 3.07
C ALA A 25 -5.08 4.83 2.80
N ASP A 26 -3.95 5.10 3.44
CA ASP A 26 -2.78 4.26 3.28
C ASP A 26 -3.02 2.91 3.97
N VAL A 27 -3.52 2.96 5.21
CA VAL A 27 -3.90 1.74 5.94
C VAL A 27 -4.82 0.86 5.11
N ALA A 28 -5.78 1.47 4.42
CA ALA A 28 -6.64 0.74 3.54
C ALA A 28 -5.88 0.01 2.44
N LYS A 29 -4.98 0.69 1.75
CA LYS A 29 -4.17 0.08 0.74
C LYS A 29 -3.41 -1.10 1.36
N TYR A 30 -2.74 -0.86 2.48
CA TYR A 30 -2.05 -1.91 3.21
C TYR A 30 -2.94 -3.11 3.42
N LEU A 31 -4.17 -2.89 3.91
CA LEU A 31 -5.07 -4.02 4.18
C LEU A 31 -5.54 -4.74 2.91
N VAL A 32 -5.58 -4.02 1.79
CA VAL A 32 -5.92 -4.65 0.52
C VAL A 32 -4.80 -5.58 0.13
N ALA A 33 -3.57 -5.12 0.28
CA ALA A 33 -2.45 -6.02 0.06
C ALA A 33 -2.55 -7.24 0.96
N LYS A 34 -2.99 -7.05 2.20
CA LYS A 34 -3.13 -8.18 3.11
C LYS A 34 -4.24 -9.17 2.73
N GLY A 35 -5.19 -8.75 1.91
CA GLY A 35 -6.36 -9.57 1.66
C GLY A 35 -7.51 -9.34 2.62
N ASN A 36 -7.42 -8.32 3.47
CA ASN A 36 -8.51 -8.01 4.38
C ASN A 36 -9.36 -6.84 3.86
N LEU A 37 -10.31 -7.18 3.00
CA LEU A 37 -11.02 -6.17 2.22
C LEU A 37 -12.06 -5.46 3.03
N HIS A 38 -12.63 -6.17 3.99
CA HIS A 38 -13.67 -5.59 4.83
C HIS A 38 -13.07 -4.50 5.71
N LEU A 39 -11.94 -4.79 6.33
CA LEU A 39 -11.29 -3.80 7.18
C LEU A 39 -10.66 -2.68 6.38
N ALA A 40 -10.35 -2.94 5.09
CA ALA A 40 -9.91 -1.85 4.25
C ALA A 40 -11.06 -0.88 3.95
N ALA A 41 -12.27 -1.39 3.81
CA ALA A 41 -13.40 -0.53 3.56
C ALA A 41 -13.60 0.34 4.78
N PHE A 42 -13.46 -0.27 5.94
CA PHE A 42 -13.61 0.46 7.20
C PHE A 42 -12.61 1.60 7.26
N ASN A 43 -11.37 1.35 6.87
CA ASN A 43 -10.38 2.44 6.86
C ASN A 43 -10.69 3.51 5.79
N LEU A 44 -11.18 3.08 4.64
CA LEU A 44 -11.64 4.03 3.64
C LEU A 44 -12.78 4.91 4.17
N HIS A 45 -13.72 4.33 4.88
CA HIS A 45 -14.75 5.10 5.52
C HIS A 45 -14.12 6.14 6.39
N GLN A 46 -13.13 5.74 7.18
CA GLN A 46 -12.51 6.71 8.07
C GLN A 46 -11.70 7.77 7.33
N ALA A 47 -11.08 7.39 6.21
CA ALA A 47 -10.33 8.35 5.40
C ALA A 47 -11.23 9.46 4.89
N VAL A 48 -12.43 9.08 4.52
CA VAL A 48 -13.41 9.99 3.93
C VAL A 48 -14.06 10.86 5.02
N GLU A 49 -14.56 10.24 6.09
CA GLU A 49 -15.09 11.00 7.20
C GLU A 49 -14.10 12.04 7.72
N THR A 50 -12.87 11.59 7.96
CA THR A 50 -11.83 12.48 8.46
C THR A 50 -11.53 13.59 7.46
N ALA A 51 -11.64 13.31 6.18
CA ALA A 51 -11.29 14.31 5.22
C ALA A 51 -12.31 15.42 5.28
N TYR A 52 -13.59 15.05 5.39
CA TYR A 52 -14.66 16.04 5.48
C TYR A 52 -14.57 16.79 6.81
N ASN A 53 -14.37 16.08 7.88
CA ASN A 53 -14.18 16.74 9.16
C ASN A 53 -13.09 17.82 9.04
N CYS A 54 -12.01 17.47 8.35
CA CYS A 54 -10.88 18.37 8.19
C CYS A 54 -11.28 19.58 7.35
N TYR A 55 -12.03 19.33 6.30
CA TYR A 55 -12.54 20.40 5.48
C TYR A 55 -13.43 21.39 6.29
N LEU A 56 -14.48 20.89 6.91
CA LEU A 56 -15.37 21.74 7.67
C LEU A 56 -14.70 22.49 8.82
N LEU A 57 -13.79 21.84 9.53
CA LEU A 57 -13.07 22.51 10.61
C LEU A 57 -12.21 23.68 10.07
N THR A 58 -11.40 23.40 9.06
CA THR A 58 -10.49 24.40 8.51
C THR A 58 -11.24 25.64 8.08
N LEU A 59 -12.33 25.44 7.33
CA LEU A 59 -13.06 26.55 6.71
C LEU A 59 -14.13 27.24 7.59
N THR A 60 -14.58 26.59 8.65
CA THR A 60 -15.64 27.17 9.48
C THR A 60 -15.44 27.02 10.98
N ASN A 61 -14.31 26.49 11.40
CA ASN A 61 -14.06 26.26 12.83
C ASN A 61 -15.17 25.53 13.59
N TYR A 62 -15.90 24.66 12.90
CA TYR A 62 -16.91 23.82 13.54
C TYR A 62 -17.10 22.54 12.74
N SER A 63 -17.36 21.45 13.47
CA SER A 63 -17.83 20.20 12.87
C SER A 63 -18.83 19.54 13.82
N PRO A 64 -19.93 18.99 13.26
CA PRO A 64 -21.06 18.48 14.02
C PRO A 64 -20.76 17.83 15.37
N ALA A 65 -19.87 16.85 15.37
CA ALA A 65 -19.61 16.04 16.56
C ALA A 65 -20.45 14.77 16.63
N SER A 66 -21.42 14.62 15.72
CA SER A 66 -21.91 13.27 15.37
C SER A 66 -20.82 12.61 14.52
N HIS A 67 -20.25 13.40 13.62
CA HIS A 67 -19.39 12.89 12.56
C HIS A 67 -20.16 11.88 11.70
N ASN A 68 -21.46 12.14 11.47
CA ASN A 68 -22.26 11.31 10.57
C ASN A 68 -21.83 11.55 9.11
N MSE A 69 -21.71 10.48 8.34
CA MSE A 69 -21.20 10.56 6.97
C MSE A 69 -22.06 11.38 6.08
O MSE A 69 -21.58 12.35 5.46
CB MSE A 69 -21.11 9.16 6.34
CG MSE A 69 -20.83 9.20 4.83
SE MSE A 69 -18.90 9.30 4.57
CE MSE A 69 -18.64 7.38 4.11
N LYS A 70 -23.33 10.99 5.95
CA LYS A 70 -24.28 11.70 5.10
C LYS A 70 -24.29 13.17 5.54
N PHE A 71 -24.34 13.38 6.85
CA PHE A 71 -24.37 14.72 7.42
C PHE A 71 -23.12 15.53 7.01
N LEU A 72 -21.92 15.06 7.37
CA LEU A 72 -20.66 15.78 7.05
C LEU A 72 -20.42 15.96 5.55
N ARG A 73 -20.76 14.96 4.75
CA ARG A 73 -20.76 15.14 3.31
C ARG A 73 -21.77 16.22 2.87
N GLY A 74 -22.99 16.12 3.42
CA GLY A 74 -24.04 17.09 3.15
C GLY A 74 -23.55 18.50 3.42
N LEU A 75 -23.09 18.71 4.66
CA LEU A 75 -22.56 20.01 5.05
C LEU A 75 -21.44 20.47 4.13
N SER A 76 -20.55 19.56 3.75
CA SER A 76 -19.37 19.94 2.98
C SER A 76 -19.69 20.28 1.54
N GLU A 77 -20.56 19.49 0.92
CA GLU A 77 -20.99 19.83 -0.45
C GLU A 77 -21.83 21.11 -0.44
N GLY A 78 -22.57 21.33 0.63
CA GLY A 78 -23.27 22.59 0.88
C GLY A 78 -22.38 23.83 0.98
N ARG A 79 -21.13 23.68 1.40
CA ARG A 79 -20.15 24.81 1.47
C ARG A 79 -19.31 24.99 0.19
N ASP A 80 -19.25 24.00 -0.70
CA ASP A 80 -18.50 24.15 -1.97
C ASP A 80 -18.90 23.06 -2.97
N ARG A 81 -19.53 23.45 -4.07
CA ARG A 81 -20.13 22.50 -5.01
C ARG A 81 -19.10 21.58 -5.70
N ARG A 82 -17.84 22.02 -5.79
CA ARG A 82 -16.77 21.21 -6.42
C ARG A 82 -16.66 19.76 -5.84
N LEU A 83 -17.08 19.59 -4.58
CA LEU A 83 -17.03 18.31 -3.87
C LEU A 83 -18.07 17.26 -4.32
N ILE A 84 -19.05 17.67 -5.10
CA ILE A 84 -20.06 16.75 -5.63
C ILE A 84 -19.45 15.87 -6.74
N ASP A 85 -18.45 16.36 -7.46
CA ASP A 85 -17.82 15.57 -8.52
C ASP A 85 -17.22 14.28 -7.98
N ILE A 86 -16.90 14.28 -6.69
CA ILE A 86 -16.19 13.19 -6.05
C ILE A 86 -17.00 11.89 -6.08
N TRP A 87 -18.32 11.98 -5.93
CA TRP A 87 -19.16 10.78 -5.83
C TRP A 87 -20.24 10.75 -6.89
N PRO A 88 -19.85 10.60 -8.18
CA PRO A 88 -20.84 10.67 -9.28
C PRO A 88 -21.89 9.56 -9.19
N ARG A 89 -23.12 9.88 -9.57
CA ARG A 89 -24.21 8.91 -9.62
C ARG A 89 -24.66 8.67 -11.05
N ASP A 90 -23.72 8.58 -11.99
CA ASP A 90 -24.03 8.25 -13.39
C ASP A 90 -23.94 6.75 -13.72
N ARG A 91 -23.86 5.91 -12.69
CA ARG A 91 -23.95 4.47 -12.80
C ARG A 91 -24.50 4.02 -11.48
N GLN A 92 -25.23 2.92 -11.48
CA GLN A 92 -25.82 2.48 -10.24
C GLN A 92 -24.75 1.91 -9.31
N ARG A 93 -23.82 1.13 -9.88
CA ARG A 93 -22.82 0.42 -9.09
C ARG A 93 -21.99 1.38 -8.20
N PHE A 94 -21.88 2.63 -8.62
CA PHE A 94 -21.24 3.65 -7.82
C PHE A 94 -21.93 3.87 -6.49
N THR A 95 -23.26 3.74 -6.47
CA THR A 95 -24.05 3.86 -5.22
C THR A 95 -23.96 2.56 -4.42
N THR A 96 -23.84 1.45 -5.12
CA THR A 96 -23.77 0.20 -4.39
C THR A 96 -22.49 0.23 -3.60
N TRP A 97 -21.40 0.41 -4.33
CA TRP A 97 -20.08 0.53 -3.78
C TRP A 97 -19.91 1.59 -2.67
N TYR A 98 -20.38 2.80 -2.91
CA TYR A 98 -20.38 3.83 -1.86
C TYR A 98 -21.11 3.35 -0.61
N ASN A 99 -22.24 2.69 -0.79
CA ASN A 99 -23.01 2.25 0.35
C ASN A 99 -22.28 1.18 1.14
N ILE A 100 -21.46 0.38 0.45
CA ILE A 100 -20.64 -0.63 1.09
C ILE A 100 -19.71 0.03 2.12
N MSE A 101 -19.07 1.12 1.71
CA MSE A 101 -18.21 1.82 2.63
C MSE A 101 -18.99 2.38 3.79
O MSE A 101 -18.57 2.27 4.94
CB MSE A 101 -17.50 2.91 1.89
CG MSE A 101 -16.86 3.90 2.85
SE MSE A 101 -15.84 5.05 1.64
CE MSE A 101 -17.38 6.11 0.95
N ASN A 102 -20.14 2.98 3.50
CA ASN A 102 -20.95 3.57 4.57
C ASN A 102 -21.39 2.55 5.59
N GLU A 103 -21.86 1.42 5.11
CA GLU A 103 -22.16 0.28 5.96
C GLU A 103 -20.93 -0.26 6.75
N ALA A 104 -19.72 0.07 6.29
CA ALA A 104 -18.51 -0.60 6.79
C ALA A 104 -18.10 -0.18 8.18
N TYR A 105 -18.43 1.04 8.59
CA TYR A 105 -18.12 1.48 9.92
C TYR A 105 -18.88 0.61 10.90
N VAL A 106 -20.20 0.53 10.69
CA VAL A 106 -21.14 -0.12 11.63
C VAL A 106 -21.03 -1.62 11.54
N LYS A 107 -21.00 -2.16 10.32
CA LYS A 107 -20.90 -3.61 10.12
C LYS A 107 -19.44 -3.98 10.25
N ALA A 108 -18.96 -4.89 9.39
CA ALA A 108 -17.54 -4.97 8.98
C ALA A 108 -16.54 -5.43 10.04
N ARG A 109 -16.61 -4.83 11.23
CA ARG A 109 -15.93 -5.37 12.39
C ARG A 109 -16.82 -6.40 13.06
N TYR A 110 -18.14 -6.22 12.92
CA TYR A 110 -19.11 -6.87 13.79
C TYR A 110 -20.00 -7.89 13.11
N SER A 111 -20.39 -7.66 11.86
CA SER A 111 -21.29 -8.60 11.16
C SER A 111 -20.55 -9.89 10.84
N LYS A 112 -21.34 -10.97 10.69
CA LYS A 112 -20.79 -12.28 10.37
C LYS A 112 -20.26 -12.29 8.95
N ARG A 113 -20.97 -11.59 8.06
CA ARG A 113 -20.57 -11.45 6.66
C ARG A 113 -20.51 -9.97 6.27
N PHE A 114 -19.60 -9.66 5.37
CA PHE A 114 -19.50 -8.33 4.82
C PHE A 114 -18.79 -8.40 3.46
N GLU A 115 -19.60 -8.21 2.42
CA GLU A 115 -19.20 -8.47 1.05
C GLU A 115 -18.80 -7.22 0.30
N VAL A 116 -17.59 -7.28 -0.24
CA VAL A 116 -17.00 -6.21 -0.95
C VAL A 116 -15.96 -6.81 -1.88
N SER A 117 -16.12 -6.57 -3.16
CA SER A 117 -15.16 -7.06 -4.15
C SER A 117 -13.94 -6.18 -4.29
N GLU A 118 -12.95 -6.71 -4.98
CA GLU A 118 -11.73 -6.00 -5.29
C GLU A 118 -12.03 -4.79 -6.13
N GLU A 119 -12.91 -4.97 -7.10
CA GLU A 119 -13.31 -3.88 -7.99
C GLU A 119 -13.94 -2.70 -7.23
N ALA A 120 -14.86 -3.00 -6.31
CA ALA A 120 -15.46 -1.98 -5.45
C ALA A 120 -14.39 -1.21 -4.69
N LEU A 121 -13.45 -1.95 -4.10
CA LEU A 121 -12.39 -1.33 -3.32
C LEU A 121 -11.44 -0.47 -4.12
N THR A 122 -11.08 -0.95 -5.30
CA THR A 122 -10.31 -0.10 -6.21
C THR A 122 -11.05 1.18 -6.53
N TRP A 123 -12.34 1.11 -6.78
CA TRP A 123 -13.09 2.34 -7.06
C TRP A 123 -13.12 3.30 -5.86
N LEU A 124 -13.37 2.77 -4.67
CA LEU A 124 -13.45 3.59 -3.46
C LEU A 124 -12.09 4.25 -3.14
N GLN A 125 -11.01 3.53 -3.40
CA GLN A 125 -9.68 4.10 -3.32
C GLN A 125 -9.48 5.26 -4.30
N GLU A 126 -9.81 5.11 -5.57
CA GLU A 126 -9.69 6.21 -6.53
C GLU A 126 -10.48 7.41 -6.03
N ARG A 127 -11.74 7.19 -5.68
CA ARG A 127 -12.60 8.26 -5.20
C ARG A 127 -12.07 8.95 -3.94
N THR A 128 -11.55 8.18 -3.00
CA THR A 128 -10.99 8.74 -1.78
C THR A 128 -9.77 9.61 -2.10
N ALA A 129 -8.95 9.16 -3.03
CA ALA A 129 -7.78 9.91 -3.46
C ALA A 129 -8.14 11.25 -4.12
N GLU A 130 -9.24 11.31 -4.89
CA GLU A 130 -9.71 12.60 -5.41
C GLU A 130 -10.27 13.47 -4.30
N LEU A 131 -11.08 12.90 -3.41
CA LEU A 131 -11.57 13.69 -2.26
C LEU A 131 -10.39 14.32 -1.54
N HIS A 132 -9.33 13.55 -1.33
CA HIS A 132 -8.23 14.05 -0.54
C HIS A 132 -7.48 15.12 -1.29
N LYS A 133 -7.28 14.93 -2.59
CA LYS A 133 -6.61 15.93 -3.41
C LYS A 133 -7.41 17.22 -3.38
N LEU A 134 -8.69 17.14 -3.72
CA LEU A 134 -9.53 18.34 -3.72
C LEU A 134 -9.60 19.01 -2.37
N VAL A 135 -9.79 18.22 -1.31
CA VAL A 135 -9.98 18.79 0.01
C VAL A 135 -8.71 19.51 0.42
N GLU A 136 -7.58 18.94 0.04
CA GLU A 136 -6.27 19.51 0.35
C GLU A 136 -6.16 20.86 -0.35
N THR A 137 -6.58 20.90 -1.61
CA THR A 137 -6.56 22.12 -2.39
C THR A 137 -7.49 23.17 -1.77
N LEU A 138 -8.75 22.81 -1.55
CA LEU A 138 -9.71 23.75 -0.99
C LEU A 138 -9.27 24.32 0.36
N CYS A 139 -8.52 23.52 1.13
CA CYS A 139 -8.02 23.96 2.45
C CYS A 139 -6.85 24.95 2.34
N ARG A 140 -5.95 24.74 1.38
CA ARG A 140 -4.88 25.70 1.09
C ARG A 140 -5.47 27.03 0.57
N GLU A 141 -6.42 26.93 -0.37
CA GLU A 141 -7.11 28.11 -0.91
C GLU A 141 -7.74 28.97 0.20
N HIS A 142 -8.16 28.35 1.30
CA HIS A 142 -8.53 29.13 2.49
C HIS A 142 -7.23 29.61 3.20
N ILE A 143 -6.70 30.74 2.73
CA ILE A 143 -5.48 31.38 3.29
C ILE A 143 -5.75 32.87 3.61
N GLU A 144 -6.00 33.13 4.89
CA GLU A 144 -6.22 34.48 5.37
C GLU A 144 -4.87 35.19 5.40
N LYS A 145 -4.75 36.23 4.57
CA LYS A 145 -3.68 37.23 4.64
C LYS A 145 -4.28 38.62 4.44
N LEU B 1 11.81 10.91 10.04
CA LEU B 1 11.75 12.42 9.99
C LEU B 1 13.11 13.07 10.29
N SER B 2 13.79 13.36 9.18
CA SER B 2 14.95 14.25 9.12
C SER B 2 15.76 13.91 7.86
N PRO B 3 15.86 14.85 6.91
CA PRO B 3 16.46 14.57 5.60
C PRO B 3 17.73 13.70 5.55
N ALA B 4 18.70 13.97 6.43
CA ALA B 4 19.97 13.26 6.41
C ALA B 4 19.87 11.91 7.14
N ASP B 5 19.09 11.85 8.21
CA ASP B 5 18.78 10.58 8.89
C ASP B 5 18.10 9.60 7.94
N ALA B 6 16.98 10.05 7.36
CA ALA B 6 16.22 9.25 6.42
C ALA B 6 17.08 8.64 5.28
N LEU B 7 18.14 9.33 4.88
CA LEU B 7 19.09 8.78 3.89
C LEU B 7 20.00 7.72 4.50
N ARG B 8 20.59 8.05 5.64
CA ARG B 8 21.40 7.09 6.39
C ARG B 8 20.61 5.78 6.55
N VAL B 9 19.39 5.88 7.08
CA VAL B 9 18.61 4.70 7.37
C VAL B 9 18.25 3.89 6.14
N ALA B 10 17.96 4.55 5.03
CA ALA B 10 17.61 3.84 3.80
C ALA B 10 18.80 3.20 3.16
N GLU B 11 19.99 3.75 3.36
CA GLU B 11 21.22 3.10 2.91
C GLU B 11 21.51 1.87 3.77
N ASP B 12 21.29 2.00 5.07
CA ASP B 12 21.56 0.93 6.04
C ASP B 12 20.75 -0.34 5.75
N HIS B 13 19.45 -0.15 5.59
CA HIS B 13 18.53 -1.15 5.10
C HIS B 13 18.98 -1.88 3.83
N PHE B 14 19.13 -1.12 2.76
CA PHE B 14 19.51 -1.68 1.49
C PHE B 14 20.83 -2.42 1.53
N LEU B 15 21.80 -1.92 2.28
CA LEU B 15 23.10 -2.57 2.40
C LEU B 15 23.03 -3.79 3.28
N ARG B 16 22.14 -3.76 4.25
CA ARG B 16 21.94 -4.89 5.15
C ARG B 16 21.23 -6.07 4.46
N HIS B 17 20.26 -5.78 3.56
CA HIS B 17 19.33 -6.77 3.07
C HIS B 17 19.56 -7.19 1.64
N MSE B 18 20.00 -6.31 0.78
CA MSE B 18 20.12 -6.70 -0.61
C MSE B 18 21.15 -7.80 -0.76
O MSE B 18 21.01 -8.68 -1.60
CB MSE B 18 20.41 -5.51 -1.48
CG MSE B 18 20.38 -5.87 -2.92
SE MSE B 18 18.48 -6.20 -3.23
CE MSE B 18 18.76 -7.48 -4.69
N PRO B 19 22.21 -7.73 0.05
CA PRO B 19 23.20 -8.81 -0.09
C PRO B 19 22.72 -10.17 0.40
N ASP B 20 21.86 -10.19 1.43
CA ASP B 20 21.14 -11.46 1.82
C ASP B 20 20.32 -12.01 0.64
N ALA B 21 19.62 -11.15 -0.08
CA ALA B 21 18.84 -11.59 -1.20
C ALA B 21 19.73 -12.17 -2.30
N ARG B 22 20.79 -11.48 -2.66
CA ARG B 22 21.67 -11.98 -3.72
C ARG B 22 22.20 -13.31 -3.27
N ASP B 23 22.67 -13.38 -2.01
CA ASP B 23 23.26 -14.62 -1.50
C ASP B 23 22.31 -15.80 -1.46
N PHE B 24 21.04 -15.57 -1.15
CA PHE B 24 20.09 -16.66 -1.24
C PHE B 24 20.00 -17.16 -2.69
N ALA B 25 19.89 -16.25 -3.65
CA ALA B 25 19.86 -16.66 -5.10
C ALA B 25 21.11 -17.43 -5.51
N ASP B 26 22.26 -17.07 -4.96
CA ASP B 26 23.48 -17.79 -5.27
C ASP B 26 23.41 -19.20 -4.67
N VAL B 27 23.04 -19.28 -3.39
CA VAL B 27 22.86 -20.58 -2.73
C VAL B 27 21.97 -21.47 -3.56
N ALA B 28 20.92 -20.90 -4.14
CA ALA B 28 20.03 -21.70 -4.96
C ALA B 28 20.79 -22.32 -6.15
N LYS B 29 21.60 -21.55 -6.83
CA LYS B 29 22.38 -22.06 -7.97
C LYS B 29 23.22 -23.19 -7.49
N TYR B 30 23.97 -22.92 -6.43
CA TYR B 30 24.77 -23.97 -5.80
C TYR B 30 23.97 -25.26 -5.59
N LEU B 31 22.78 -25.15 -5.01
CA LEU B 31 21.99 -26.34 -4.75
C LEU B 31 21.48 -27.03 -6.03
N VAL B 32 21.25 -26.25 -7.08
CA VAL B 32 20.85 -26.82 -8.36
C VAL B 32 22.02 -27.66 -8.88
N ALA B 33 23.23 -27.12 -8.83
CA ALA B 33 24.39 -27.91 -9.18
C ALA B 33 24.46 -29.19 -8.33
N LYS B 34 24.09 -29.10 -7.07
CA LYS B 34 24.08 -30.28 -6.20
C LYS B 34 22.94 -31.28 -6.48
N GLY B 35 21.99 -30.92 -7.31
CA GLY B 35 20.87 -31.81 -7.56
C GLY B 35 19.77 -31.69 -6.52
N ASN B 36 19.88 -30.72 -5.61
CA ASN B 36 18.84 -30.56 -4.60
C ASN B 36 17.87 -29.44 -4.94
N LEU B 37 16.89 -29.79 -5.76
CA LEU B 37 16.05 -28.83 -6.41
C LEU B 37 15.01 -28.29 -5.47
N HIS B 38 14.57 -29.13 -4.53
CA HIS B 38 13.56 -28.69 -3.57
C HIS B 38 14.15 -27.62 -2.64
N LEU B 39 15.35 -27.84 -2.14
CA LEU B 39 15.99 -26.84 -1.30
C LEU B 39 16.43 -25.61 -2.08
N ALA B 40 16.65 -25.75 -3.37
CA ALA B 40 16.96 -24.58 -4.17
C ALA B 40 15.73 -23.72 -4.30
N ALA B 41 14.56 -24.33 -4.39
CA ALA B 41 13.33 -23.58 -4.49
C ALA B 41 13.11 -22.81 -3.22
N PHE B 42 13.40 -23.48 -2.10
CA PHE B 42 13.38 -22.84 -0.79
C PHE B 42 14.29 -21.60 -0.71
N ASN B 43 15.51 -21.72 -1.19
CA ASN B 43 16.38 -20.54 -1.23
C ASN B 43 15.89 -19.45 -2.21
N LEU B 44 15.33 -19.88 -3.34
CA LEU B 44 14.72 -18.93 -4.23
C LEU B 44 13.57 -18.17 -3.55
N HIS B 45 12.71 -18.90 -2.83
CA HIS B 45 11.65 -18.24 -2.06
C HIS B 45 12.26 -17.17 -1.13
N GLN B 46 13.35 -17.51 -0.46
CA GLN B 46 13.97 -16.55 0.43
C GLN B 46 14.63 -15.39 -0.33
N ALA B 47 15.17 -15.66 -1.52
CA ALA B 47 15.78 -14.60 -2.30
C ALA B 47 14.74 -13.54 -2.67
N VAL B 48 13.54 -14.00 -2.92
CA VAL B 48 12.48 -13.16 -3.37
C VAL B 48 11.88 -12.43 -2.20
N GLU B 49 11.55 -13.15 -1.16
CA GLU B 49 11.03 -12.52 0.04
C GLU B 49 11.95 -11.45 0.55
N THR B 50 13.24 -11.79 0.67
CA THR B 50 14.23 -10.85 1.16
C THR B 50 14.35 -9.65 0.21
N ALA B 51 14.14 -9.85 -1.09
CA ALA B 51 14.31 -8.76 -1.99
C ALA B 51 13.20 -7.77 -1.74
N TYR B 52 11.97 -8.27 -1.59
CA TYR B 52 10.81 -7.38 -1.38
C TYR B 52 10.95 -6.71 0.01
N ASN B 53 11.35 -7.46 1.01
CA ASN B 53 11.60 -6.88 2.31
C ASN B 53 12.59 -5.70 2.21
N CYS B 54 13.64 -5.91 1.45
CA CYS B 54 14.64 -4.89 1.22
C CYS B 54 14.04 -3.68 0.50
N TYR B 55 13.19 -3.93 -0.48
CA TYR B 55 12.54 -2.87 -1.18
C TYR B 55 11.66 -2.07 -0.25
N LEU B 56 10.73 -2.72 0.41
CA LEU B 56 9.83 -2.00 1.30
C LEU B 56 10.54 -1.26 2.46
N LEU B 57 11.58 -1.86 3.04
CA LEU B 57 12.34 -1.19 4.10
C LEU B 57 13.04 0.08 3.58
N THR B 58 13.77 -0.04 2.49
CA THR B 58 14.50 1.09 1.91
C THR B 58 13.58 2.31 1.65
N LEU B 59 12.45 2.04 0.98
CA LEU B 59 11.57 3.10 0.51
C LEU B 59 10.55 3.63 1.54
N THR B 60 10.28 2.87 2.60
CA THR B 60 9.26 3.28 3.57
C THR B 60 9.64 3.04 5.03
N ASN B 61 10.86 2.59 5.29
CA ASN B 61 11.31 2.30 6.64
C ASN B 61 10.39 1.37 7.45
N TYR B 62 9.63 0.51 6.78
CA TYR B 62 8.78 -0.46 7.44
C TYR B 62 8.58 -1.69 6.56
N SER B 63 8.46 -2.85 7.19
CA SER B 63 8.03 -4.08 6.54
C SER B 63 7.16 -4.93 7.48
N PRO B 64 6.08 -5.53 6.96
CA PRO B 64 5.08 -6.19 7.74
C PRO B 64 5.57 -6.90 8.98
N ALA B 65 6.51 -7.81 8.81
CA ALA B 65 6.91 -8.69 9.93
C ALA B 65 6.14 -10.02 9.95
N SER B 66 5.12 -10.16 9.12
CA SER B 66 4.69 -11.48 8.65
C SER B 66 5.82 -11.99 7.78
N HIS B 67 6.25 -11.11 6.88
CA HIS B 67 7.04 -11.49 5.74
C HIS B 67 6.26 -12.53 4.89
N ASN B 68 4.95 -12.37 4.76
CA ASN B 68 4.13 -13.20 3.84
C ASN B 68 4.39 -12.80 2.36
N MSE B 69 4.51 -13.80 1.49
CA MSE B 69 4.89 -13.55 0.10
C MSE B 69 3.89 -12.75 -0.68
O MSE B 69 4.25 -11.71 -1.26
CB MSE B 69 5.04 -14.88 -0.64
CG MSE B 69 5.18 -14.71 -2.14
SE MSE B 69 7.08 -14.44 -2.53
CE MSE B 69 7.48 -16.26 -3.10
N LYS B 70 2.65 -13.26 -0.72
CA LYS B 70 1.56 -12.57 -1.45
C LYS B 70 1.48 -11.16 -0.88
N PHE B 71 1.58 -11.06 0.45
CA PHE B 71 1.50 -9.79 1.11
C PHE B 71 2.60 -8.84 0.63
N LEU B 72 3.86 -9.22 0.88
CA LEU B 72 4.99 -8.33 0.58
C LEU B 72 5.05 -7.99 -0.92
N ARG B 73 4.69 -8.94 -1.77
CA ARG B 73 4.57 -8.68 -3.19
C ARG B 73 3.47 -7.69 -3.48
N GLY B 74 2.32 -7.95 -2.86
CA GLY B 74 1.17 -7.06 -2.96
C GLY B 74 1.58 -5.64 -2.59
N LEU B 75 2.15 -5.48 -1.40
CA LEU B 75 2.61 -4.17 -0.93
C LEU B 75 3.61 -3.54 -1.89
N SER B 76 4.52 -4.35 -2.40
CA SER B 76 5.58 -3.80 -3.21
C SER B 76 5.11 -3.41 -4.61
N GLU B 77 4.30 -4.23 -5.24
CA GLU B 77 3.70 -3.86 -6.52
C GLU B 77 2.74 -2.67 -6.36
N GLY B 78 2.02 -2.61 -5.24
CA GLY B 78 1.21 -1.47 -4.89
C GLY B 78 1.96 -0.15 -4.83
N ARG B 79 3.26 -0.16 -4.49
CA ARG B 79 4.06 1.08 -4.42
C ARG B 79 4.83 1.44 -5.69
N ASP B 80 4.97 0.51 -6.63
CA ASP B 80 5.65 0.81 -7.90
C ASP B 80 5.26 -0.24 -8.93
N ARG B 81 4.53 0.19 -9.97
CA ARG B 81 3.93 -0.75 -10.95
C ARG B 81 4.99 -1.54 -11.75
N ARG B 82 6.21 -1.00 -11.89
CA ARG B 82 7.29 -1.66 -12.63
C ARG B 82 7.55 -3.12 -12.17
N LEU B 83 7.25 -3.42 -10.90
CA LEU B 83 7.46 -4.75 -10.30
C LEU B 83 6.46 -5.85 -10.74
N ILE B 84 5.39 -5.45 -11.43
CA ILE B 84 4.43 -6.42 -11.97
C ILE B 84 5.00 -7.19 -13.18
N ASP B 85 5.91 -6.57 -13.91
CA ASP B 85 6.51 -7.27 -15.06
C ASP B 85 7.25 -8.55 -14.67
N ILE B 86 7.68 -8.60 -13.41
CA ILE B 86 8.56 -9.63 -12.93
C ILE B 86 7.87 -10.98 -13.02
N TRP B 87 6.54 -11.04 -12.80
CA TRP B 87 5.83 -12.35 -12.70
C TRP B 87 4.65 -12.54 -13.69
N PRO B 88 4.94 -12.54 -15.01
CA PRO B 88 3.90 -12.54 -16.04
C PRO B 88 2.99 -13.75 -15.96
N ARG B 89 1.70 -13.58 -16.25
CA ARG B 89 0.75 -14.71 -16.30
C ARG B 89 0.31 -15.14 -17.72
N ASP B 90 1.12 -14.84 -18.73
CA ASP B 90 0.74 -15.08 -20.11
C ASP B 90 0.97 -16.54 -20.54
N ARG B 91 1.21 -17.42 -19.57
CA ARG B 91 1.24 -18.87 -19.76
C ARG B 91 0.84 -19.45 -18.43
N GLN B 92 0.19 -20.60 -18.43
CA GLN B 92 -0.32 -21.12 -17.19
C GLN B 92 0.85 -21.65 -16.37
N ARG B 93 1.81 -22.28 -17.02
CA ARG B 93 2.93 -22.92 -16.34
C ARG B 93 3.74 -21.92 -15.45
N PHE B 94 3.72 -20.65 -15.83
CA PHE B 94 4.29 -19.60 -15.02
C PHE B 94 3.66 -19.49 -13.62
N THR B 95 2.36 -19.75 -13.52
CA THR B 95 1.65 -19.77 -12.22
C THR B 95 1.89 -21.08 -11.51
N THR B 96 2.05 -22.14 -12.25
CA THR B 96 2.29 -23.40 -11.58
C THR B 96 3.62 -23.26 -10.89
N TRP B 97 4.65 -22.97 -11.68
CA TRP B 97 6.01 -22.75 -11.22
C TRP B 97 6.16 -21.74 -10.04
N TYR B 98 5.59 -20.54 -10.20
CA TYR B 98 5.58 -19.58 -9.10
C TYR B 98 5.00 -20.20 -7.84
N ASN B 99 3.91 -20.95 -7.98
CA ASN B 99 3.25 -21.50 -6.80
C ASN B 99 4.13 -22.54 -6.14
N ILE B 100 4.96 -23.22 -6.91
CA ILE B 100 5.92 -24.19 -6.38
C ILE B 100 6.88 -23.51 -5.41
N MSE B 101 7.40 -22.36 -5.78
CA MSE B 101 8.27 -21.63 -4.92
C MSE B 101 7.55 -21.19 -3.69
O MSE B 101 8.08 -21.33 -2.58
CB MSE B 101 8.84 -20.42 -5.64
CG MSE B 101 9.48 -19.41 -4.68
SE MSE B 101 10.26 -18.07 -5.88
CE MSE B 101 8.60 -17.17 -6.40
N ASN B 102 6.34 -20.68 -3.86
CA ASN B 102 5.54 -20.22 -2.71
C ASN B 102 5.30 -21.34 -1.69
N GLU B 103 4.88 -22.47 -2.18
CA GLU B 103 4.76 -23.66 -1.36
C GLU B 103 6.10 -24.10 -0.71
N ALA B 104 7.24 -23.64 -1.24
CA ALA B 104 8.56 -24.22 -0.90
C ALA B 104 9.08 -23.86 0.47
N TYR B 105 8.68 -22.71 0.98
CA TYR B 105 9.06 -22.33 2.33
C TYR B 105 8.45 -23.31 3.32
N VAL B 106 7.15 -23.50 3.18
CA VAL B 106 6.32 -24.26 4.10
C VAL B 106 6.54 -25.75 3.94
N LYS B 107 6.49 -26.23 2.70
CA LYS B 107 6.68 -27.66 2.40
C LYS B 107 8.17 -27.91 2.38
N ALA B 108 8.65 -28.72 1.43
CA ALA B 108 10.03 -28.63 0.91
C ALA B 108 11.17 -29.07 1.84
N ARG B 109 11.16 -28.55 3.07
CA ARG B 109 11.96 -29.10 4.14
C ARG B 109 11.19 -30.25 4.79
N TYR B 110 9.87 -30.14 4.80
CA TYR B 110 9.06 -30.94 5.68
C TYR B 110 8.27 -32.05 4.96
N SER B 111 7.76 -31.78 3.77
CA SER B 111 6.93 -32.75 3.04
C SER B 111 7.73 -33.93 2.49
N LYS B 112 7.05 -35.06 2.31
CA LYS B 112 7.63 -36.28 1.73
C LYS B 112 7.86 -36.11 0.23
N ARG B 113 6.91 -35.43 -0.39
CA ARG B 113 6.92 -35.20 -1.82
C ARG B 113 7.09 -33.71 -2.03
N PHE B 114 8.00 -33.30 -2.89
CA PHE B 114 7.99 -31.92 -3.36
C PHE B 114 8.59 -31.88 -4.76
N GLU B 115 7.70 -31.79 -5.73
CA GLU B 115 8.07 -31.90 -7.12
C GLU B 115 8.27 -30.55 -7.80
N VAL B 116 9.44 -30.43 -8.41
CA VAL B 116 9.87 -29.24 -9.09
C VAL B 116 10.88 -29.68 -10.13
N SER B 117 10.61 -29.38 -11.39
CA SER B 117 11.51 -29.74 -12.47
C SER B 117 12.64 -28.76 -12.63
N GLU B 118 13.61 -29.19 -13.43
CA GLU B 118 14.74 -28.34 -13.79
C GLU B 118 14.28 -27.10 -14.51
N GLU B 119 13.32 -27.28 -15.41
CA GLU B 119 12.78 -26.20 -16.21
C GLU B 119 12.11 -25.13 -15.34
N ALA B 120 11.31 -25.57 -14.39
CA ALA B 120 10.71 -24.67 -13.40
C ALA B 120 11.76 -23.85 -12.69
N LEU B 121 12.81 -24.53 -12.21
CA LEU B 121 13.86 -23.84 -11.45
C LEU B 121 14.62 -22.86 -12.26
N THR B 122 14.92 -23.22 -13.49
CA THR B 122 15.56 -22.27 -14.37
C THR B 122 14.70 -21.02 -14.55
N TRP B 123 13.39 -21.21 -14.72
CA TRP B 123 12.53 -20.06 -14.89
C TRP B 123 12.50 -19.17 -13.62
N LEU B 124 12.39 -19.79 -12.45
CA LEU B 124 12.37 -19.08 -11.19
C LEU B 124 13.70 -18.31 -10.92
N GLN B 125 14.81 -18.91 -11.34
CA GLN B 125 16.09 -18.22 -11.33
C GLN B 125 16.10 -16.98 -12.22
N GLU B 126 15.66 -17.11 -13.47
CA GLU B 126 15.60 -15.92 -14.34
C GLU B 126 14.74 -14.83 -13.73
N ARG B 127 13.53 -15.20 -13.33
CA ARG B 127 12.63 -14.23 -12.70
C ARG B 127 13.23 -13.56 -11.44
N THR B 128 13.90 -14.34 -10.58
CA THR B 128 14.50 -13.80 -9.35
C THR B 128 15.61 -12.80 -9.69
N ALA B 129 16.37 -13.11 -10.73
CA ALA B 129 17.42 -12.23 -11.19
C ALA B 129 16.87 -10.90 -11.73
N GLU B 130 15.72 -10.91 -12.38
CA GLU B 130 15.07 -9.64 -12.77
C GLU B 130 14.53 -8.87 -11.56
N LEU B 131 13.87 -9.57 -10.65
CA LEU B 131 13.43 -8.94 -9.42
C LEU B 131 14.60 -8.25 -8.74
N HIS B 132 15.72 -8.92 -8.68
CA HIS B 132 16.86 -8.37 -7.94
C HIS B 132 17.44 -7.19 -8.69
N LYS B 133 17.54 -7.28 -10.01
CA LYS B 133 18.03 -6.15 -10.82
C LYS B 133 17.10 -4.96 -10.64
N LEU B 134 15.81 -5.17 -10.85
CA LEU B 134 14.84 -4.10 -10.71
C LEU B 134 14.80 -3.48 -9.32
N VAL B 135 14.83 -4.36 -8.30
CA VAL B 135 14.73 -3.86 -6.95
C VAL B 135 15.95 -3.03 -6.62
N GLU B 136 17.09 -3.46 -7.13
CA GLU B 136 18.37 -2.80 -6.89
C GLU B 136 18.30 -1.42 -7.47
N THR B 137 17.75 -1.33 -8.69
CA THR B 137 17.60 -0.07 -9.38
C THR B 137 16.64 0.83 -8.62
N LEU B 138 15.43 0.34 -8.33
CA LEU B 138 14.42 1.16 -7.62
C LEU B 138 14.93 1.69 -6.27
N CYS B 139 15.83 0.94 -5.61
CA CYS B 139 16.39 1.35 -4.34
C CYS B 139 17.40 2.49 -4.49
N ARG B 140 18.24 2.41 -5.52
CA ARG B 140 19.19 3.47 -5.82
C ARG B 140 18.45 4.77 -6.21
N GLU B 141 17.44 4.62 -7.06
CA GLU B 141 16.56 5.75 -7.43
C GLU B 141 15.94 6.46 -6.24
N HIS B 142 15.62 5.72 -5.18
CA HIS B 142 15.21 6.38 -3.95
C HIS B 142 16.45 7.08 -3.32
N ILE B 143 16.63 8.35 -3.69
CA ILE B 143 17.76 9.20 -3.24
C ILE B 143 17.28 10.54 -2.68
N GLU B 144 17.29 10.60 -1.35
CA GLU B 144 17.11 11.83 -0.62
C GLU B 144 18.48 12.41 -0.43
N LYS B 145 19.46 11.92 -1.19
CA LYS B 145 20.71 12.64 -1.31
C LYS B 145 20.47 14.00 -1.97
N LEU B 146 19.36 14.17 -2.69
CA LEU B 146 18.98 15.52 -3.10
C LEU B 146 18.24 16.23 -1.97
N GLU B 147 17.26 15.57 -1.34
CA GLU B 147 16.46 16.23 -0.28
C GLU B 147 17.24 16.57 1.02
N HIS B 148 18.51 16.15 1.15
CA HIS B 148 19.43 16.88 2.01
C HIS B 148 20.26 17.84 1.15
N ALA B 149 19.56 18.69 0.38
CA ALA B 149 20.13 19.89 -0.21
C ALA B 149 20.10 20.91 0.90
N ALA B 150 18.92 21.06 1.51
CA ALA B 150 18.77 21.80 2.76
C ALA B 150 19.72 21.22 3.80
N GLY B 151 20.97 21.66 3.78
CA GLY B 151 22.01 21.16 4.67
C GLY B 151 22.07 21.95 5.96
#